data_3SDE
#
_entry.id   3SDE
#
_cell.length_a   90.900
_cell.length_b   67.180
_cell.length_c   94.080
_cell.angle_alpha   90.00
_cell.angle_beta   99.96
_cell.angle_gamma   90.00
#
_symmetry.space_group_name_H-M   'C 1 2 1'
#
loop_
_entity.id
_entity.type
_entity.pdbx_description
1 polymer 'Paraspeckle component 1'
2 polymer 'Non-POU domain-containing octamer-binding protein'
3 non-polymer 1,2-ETHANEDIOL
4 water water
#
loop_
_entity_poly.entity_id
_entity_poly.type
_entity_poly.pdbx_seq_one_letter_code
_entity_poly.pdbx_strand_id
1 'polypeptide(L)'
;GMGFTIDIKSFLKPGEKTYTQRCRLFVGNLPTDITEEDFKRLFERYGEPSEVFINRDRGFGFIRLESRTLAEIAKAELDG
TILKSRPLRIRFATHGAALTVKNLSPVVSNELLEQAFSQFGPVEKAVVVVDDRGRATGKGFVEFAAKPPARKALERCGDG
AFLLTTTPRPVIVEPMEQFDDEDGLPEKLMQKTQQYHKEREQPPRFAQPGTFEFEYASRWKALDEMEKQQREQVDRNIRE
AKEKLEAEMEAARHEHQLMLM
;
A
2 'polypeptide(L)'
;MEGLTIDLKNFRKPGEKTFTQRSRLFVGNLPPDITEEEMRKLFEKYGKAGEVFIHKDKGFGFIRLETRTLAEIAKVELDN
MPLRGKQLRVRFACHSASLTVRNLPQYVSNELLEEAFSVFGQVERAVVIVDDRGRPSGKGIVEFSGKPAARKALDRCSEG
SFLLTTFPRPVTVEPMDQLDDEEGLPEKLVIKNQQFHKEREQPPRFAQPGSFEYEYAMRWKALIEMEKQQQDQVDRNIKE
AREKLEMEMEAARHEHQVMLM
;
B
#
loop_
_chem_comp.id
_chem_comp.type
_chem_comp.name
_chem_comp.formula
EDO non-polymer 1,2-ETHANEDIOL 'C2 H6 O2'
#
# COMPACT_ATOMS: atom_id res chain seq x y z
N ASP A 7 -14.29 -20.57 25.34
CA ASP A 7 -13.47 -19.39 25.09
C ASP A 7 -12.77 -19.46 23.74
N ILE A 8 -12.80 -18.34 23.03
CA ILE A 8 -12.26 -18.14 21.69
C ILE A 8 -10.85 -17.54 21.77
N LYS A 9 -9.98 -17.98 20.88
CA LYS A 9 -8.62 -17.45 20.77
C LYS A 9 -8.67 -15.97 20.33
N SER A 10 -7.73 -15.14 20.82
CA SER A 10 -7.68 -13.73 20.39
C SER A 10 -6.97 -13.55 19.07
N PHE A 11 -6.00 -14.44 18.76
CA PHE A 11 -5.15 -14.34 17.58
C PHE A 11 -4.37 -13.03 17.55
N LEU A 12 -4.05 -12.47 18.73
CA LEU A 12 -3.29 -11.24 18.78
C LEU A 12 -1.88 -11.55 18.33
N LYS A 13 -1.28 -10.65 17.57
CA LYS A 13 0.11 -10.83 17.11
C LYS A 13 1.06 -10.24 18.17
N PRO A 14 2.38 -10.61 18.19
CA PRO A 14 3.28 -10.01 19.20
C PRO A 14 3.32 -8.49 19.11
N GLY A 15 3.05 -7.84 20.23
CA GLY A 15 3.07 -6.38 20.39
C GLY A 15 1.82 -5.67 19.89
N GLU A 16 0.83 -6.45 19.40
CA GLU A 16 -0.39 -5.84 18.85
C GLU A 16 -1.28 -5.26 19.95
N LYS A 17 -1.76 -4.04 19.77
CA LYS A 17 -2.73 -3.41 20.69
C LYS A 17 -4.13 -3.98 20.39
N THR A 18 -5.01 -4.06 21.40
CA THR A 18 -6.32 -4.68 21.20
C THR A 18 -7.36 -3.69 20.78
N TYR A 19 -8.41 -4.16 20.06
CA TYR A 19 -9.54 -3.32 19.68
C TYR A 19 -9.09 -1.97 19.08
N THR A 20 -8.21 -2.03 18.11
CA THR A 20 -7.76 -0.80 17.43
C THR A 20 -8.69 -0.47 16.26
N GLN A 21 -8.44 0.65 15.55
CA GLN A 21 -9.30 0.93 14.40
C GLN A 21 -9.05 -0.09 13.30
N ARG A 22 -7.87 -0.75 13.33
CA ARG A 22 -7.54 -1.77 12.34
C ARG A 22 -8.37 -3.05 12.56
N CYS A 23 -9.10 -3.12 13.70
CA CYS A 23 -9.96 -4.25 14.07
C CYS A 23 -11.45 -3.94 13.76
N ARG A 24 -11.71 -2.78 13.19
CA ARG A 24 -13.06 -2.27 13.02
C ARG A 24 -13.56 -2.57 11.66
N LEU A 25 -14.76 -3.14 11.63
CA LEU A 25 -15.38 -3.53 10.40
C LEU A 25 -16.61 -2.75 10.15
N PHE A 26 -16.77 -2.32 8.90
CA PHE A 26 -17.98 -1.71 8.37
C PHE A 26 -18.81 -2.89 7.85
N VAL A 27 -20.11 -2.88 8.14
CA VAL A 27 -21.02 -3.95 7.65
C VAL A 27 -22.20 -3.22 7.00
N GLY A 28 -22.41 -3.47 5.71
CA GLY A 28 -23.49 -2.88 4.93
C GLY A 28 -24.45 -3.89 4.33
N ASN A 29 -25.60 -3.37 3.83
CA ASN A 29 -26.66 -4.13 3.16
C ASN A 29 -27.39 -5.07 4.13
N LEU A 30 -27.54 -4.64 5.38
CA LEU A 30 -28.21 -5.42 6.39
C LEU A 30 -29.76 -5.37 6.20
N PRO A 31 -30.54 -6.42 6.58
CA PRO A 31 -32.01 -6.31 6.51
C PRO A 31 -32.53 -5.17 7.42
N THR A 32 -33.66 -4.50 7.07
CA THR A 32 -34.17 -3.40 7.94
C THR A 32 -34.75 -3.91 9.26
N ASP A 33 -35.06 -5.22 9.30
CA ASP A 33 -35.55 -5.96 10.46
C ASP A 33 -34.42 -6.28 11.46
N ILE A 34 -33.15 -5.90 11.11
CA ILE A 34 -31.92 -6.13 11.92
C ILE A 34 -32.00 -5.57 13.32
N THR A 35 -31.82 -6.42 14.32
CA THR A 35 -31.79 -5.94 15.70
C THR A 35 -30.33 -5.90 16.12
N GLU A 36 -30.00 -5.11 17.17
CA GLU A 36 -28.65 -4.99 17.69
C GLU A 36 -28.18 -6.34 18.21
N GLU A 37 -29.12 -7.14 18.81
CA GLU A 37 -28.83 -8.47 19.34
C GLU A 37 -28.49 -9.46 18.23
N ASP A 38 -29.23 -9.40 17.09
CA ASP A 38 -29.00 -10.28 15.95
C ASP A 38 -27.68 -9.91 15.26
N PHE A 39 -27.34 -8.60 15.26
CA PHE A 39 -26.10 -8.06 14.66
C PHE A 39 -24.91 -8.58 15.43
N LYS A 40 -25.01 -8.57 16.78
CA LYS A 40 -23.97 -9.11 17.66
C LYS A 40 -23.84 -10.60 17.42
N ARG A 41 -24.99 -11.27 17.23
CA ARG A 41 -25.09 -12.71 17.03
C ARG A 41 -24.31 -13.15 15.81
N LEU A 42 -24.39 -12.37 14.71
CA LEU A 42 -23.68 -12.65 13.46
C LEU A 42 -22.19 -12.82 13.69
N PHE A 43 -21.62 -12.05 14.64
CA PHE A 43 -20.17 -12.01 14.91
C PHE A 43 -19.74 -12.72 16.18
N GLU A 44 -20.66 -13.42 16.87
CA GLU A 44 -20.40 -14.11 18.14
C GLU A 44 -19.17 -15.01 18.16
N ARG A 45 -18.91 -15.67 17.03
CA ARG A 45 -17.78 -16.62 16.84
C ARG A 45 -16.41 -15.95 16.88
N TYR A 46 -16.38 -14.63 16.78
CA TYR A 46 -15.14 -13.84 16.73
C TYR A 46 -14.80 -13.14 18.02
N GLY A 47 -15.38 -13.64 19.12
CA GLY A 47 -15.15 -13.14 20.46
C GLY A 47 -15.91 -11.88 20.82
N GLU A 48 -15.67 -11.38 22.03
CA GLU A 48 -16.34 -10.16 22.52
C GLU A 48 -16.02 -8.92 21.66
N PRO A 49 -17.03 -8.11 21.24
CA PRO A 49 -16.72 -6.87 20.50
C PRO A 49 -16.59 -5.68 21.47
N SER A 50 -15.86 -4.61 21.13
CA SER A 50 -15.76 -3.47 22.08
C SER A 50 -16.69 -2.32 21.67
N GLU A 51 -17.05 -2.30 20.40
CA GLU A 51 -17.91 -1.30 19.79
C GLU A 51 -18.92 -2.08 18.97
N VAL A 52 -20.16 -1.70 19.09
CA VAL A 52 -21.23 -2.29 18.30
C VAL A 52 -22.14 -1.12 17.99
N PHE A 53 -22.33 -0.85 16.71
CA PHE A 53 -23.20 0.24 16.27
C PHE A 53 -24.01 -0.31 15.13
N ILE A 54 -25.29 0.02 15.13
CA ILE A 54 -26.18 -0.38 14.08
C ILE A 54 -27.16 0.73 13.76
N ASN A 55 -27.29 1.07 12.46
CA ASN A 55 -28.30 2.02 12.04
C ASN A 55 -29.31 1.18 11.27
N ARG A 56 -30.37 0.75 11.98
CA ARG A 56 -31.39 -0.17 11.49
C ARG A 56 -32.08 0.26 10.20
N ASP A 57 -32.49 1.53 10.13
CA ASP A 57 -33.17 2.12 8.98
C ASP A 57 -32.26 2.26 7.77
N ARG A 58 -30.96 2.51 8.02
CA ARG A 58 -30.00 2.69 6.93
C ARG A 58 -29.31 1.37 6.53
N GLY A 59 -29.52 0.34 7.33
CA GLY A 59 -29.02 -1.01 7.05
C GLY A 59 -27.51 -1.14 7.07
N PHE A 60 -26.84 -0.44 8.01
CA PHE A 60 -25.39 -0.58 8.18
C PHE A 60 -25.00 -0.51 9.62
N GLY A 61 -23.78 -0.95 9.92
CA GLY A 61 -23.27 -0.99 11.27
C GLY A 61 -21.75 -1.11 11.34
N PHE A 62 -21.22 -0.98 12.55
CA PHE A 62 -19.79 -1.13 12.83
C PHE A 62 -19.62 -2.12 13.95
N ILE A 63 -18.52 -2.88 13.91
CA ILE A 63 -18.18 -3.82 14.97
C ILE A 63 -16.68 -3.84 15.07
N ARG A 64 -16.17 -3.81 16.29
CA ARG A 64 -14.74 -3.84 16.51
C ARG A 64 -14.40 -5.11 17.22
N LEU A 65 -13.45 -5.87 16.64
CA LEU A 65 -13.01 -7.14 17.23
C LEU A 65 -11.69 -7.00 17.97
N GLU A 66 -11.24 -8.02 18.73
CA GLU A 66 -10.05 -7.83 19.57
C GLU A 66 -8.74 -7.65 18.82
N SER A 67 -8.58 -8.38 17.72
CA SER A 67 -7.35 -8.38 16.98
C SER A 67 -7.60 -8.18 15.48
N ARG A 68 -6.54 -7.82 14.77
CA ARG A 68 -6.62 -7.68 13.31
C ARG A 68 -6.98 -9.04 12.70
N THR A 69 -6.38 -10.15 13.21
CA THR A 69 -6.66 -11.49 12.67
C THR A 69 -8.14 -11.92 12.78
N LEU A 70 -8.76 -11.66 13.91
CA LEU A 70 -10.18 -11.98 14.09
C LEU A 70 -10.99 -11.16 13.13
N ALA A 71 -10.61 -9.88 12.90
CA ALA A 71 -11.40 -9.06 11.96
C ALA A 71 -11.23 -9.57 10.51
N GLU A 72 -10.01 -10.00 10.12
CA GLU A 72 -9.75 -10.60 8.78
C GLU A 72 -10.55 -11.89 8.61
N ILE A 73 -10.63 -12.71 9.67
CA ILE A 73 -11.40 -13.96 9.64
C ILE A 73 -12.88 -13.65 9.48
N ALA A 74 -13.43 -12.78 10.34
CA ALA A 74 -14.85 -12.41 10.27
C ALA A 74 -15.21 -11.89 8.87
N LYS A 75 -14.38 -10.98 8.32
CA LYS A 75 -14.58 -10.45 6.97
C LYS A 75 -14.55 -11.57 5.92
N ALA A 76 -13.51 -12.43 5.93
CA ALA A 76 -13.36 -13.54 4.98
C ALA A 76 -14.57 -14.47 5.02
N GLU A 77 -15.04 -14.81 6.23
CA GLU A 77 -16.15 -15.73 6.42
C GLU A 77 -17.52 -15.12 6.14
N LEU A 78 -17.77 -13.89 6.58
CA LEU A 78 -19.12 -13.30 6.47
C LEU A 78 -19.40 -12.41 5.27
N ASP A 79 -18.37 -11.92 4.58
CA ASP A 79 -18.62 -11.04 3.45
C ASP A 79 -19.37 -11.79 2.34
N GLY A 80 -20.53 -11.28 1.97
CA GLY A 80 -21.36 -11.87 0.92
C GLY A 80 -22.43 -12.83 1.41
N THR A 81 -22.44 -13.13 2.73
CA THR A 81 -23.41 -14.02 3.39
C THR A 81 -24.80 -13.46 3.15
N ILE A 82 -25.77 -14.35 2.82
CA ILE A 82 -27.15 -13.95 2.51
C ILE A 82 -28.02 -13.84 3.75
N LEU A 83 -28.48 -12.62 4.02
CA LEU A 83 -29.35 -12.36 5.14
C LEU A 83 -30.61 -11.74 4.58
N LYS A 84 -31.76 -12.42 4.78
CA LYS A 84 -33.08 -11.99 4.31
C LYS A 84 -33.02 -11.55 2.83
N SER A 85 -32.50 -12.45 1.97
CA SER A 85 -32.34 -12.29 0.50
C SER A 85 -31.26 -11.29 0.01
N ARG A 86 -30.55 -10.58 0.92
CA ARG A 86 -29.53 -9.59 0.54
C ARG A 86 -28.09 -10.00 0.91
N PRO A 87 -27.09 -9.84 0.02
CA PRO A 87 -25.71 -10.20 0.40
C PRO A 87 -25.06 -9.11 1.26
N LEU A 88 -24.49 -9.49 2.38
CA LEU A 88 -23.82 -8.53 3.28
C LEU A 88 -22.51 -8.02 2.68
N ARG A 89 -22.20 -6.73 2.89
CA ARG A 89 -20.93 -6.12 2.44
C ARG A 89 -20.12 -5.78 3.69
N ILE A 90 -19.03 -6.50 3.90
CA ILE A 90 -18.16 -6.28 5.06
C ILE A 90 -16.80 -5.83 4.60
N ARG A 91 -16.35 -4.67 5.12
CA ARG A 91 -15.08 -4.09 4.71
C ARG A 91 -14.43 -3.54 5.94
N PHE A 92 -13.10 -3.43 5.95
CA PHE A 92 -12.46 -2.78 7.08
C PHE A 92 -12.92 -1.32 7.10
N ALA A 93 -13.23 -0.77 8.27
CA ALA A 93 -13.62 0.64 8.40
C ALA A 93 -12.44 1.54 8.00
N THR A 94 -12.74 2.60 7.26
CA THR A 94 -11.74 3.62 6.89
C THR A 94 -11.08 4.12 8.20
N HIS A 95 -9.76 4.15 8.24
CA HIS A 95 -9.06 4.60 9.45
C HIS A 95 -9.23 6.10 9.60
N GLY A 96 -9.74 6.53 10.73
CA GLY A 96 -10.00 7.96 10.90
C GLY A 96 -8.84 8.79 11.42
N ALA A 97 -7.69 8.16 11.75
CA ALA A 97 -6.58 8.91 12.37
C ALA A 97 -5.21 8.37 11.94
N ALA A 98 -5.03 8.20 10.63
CA ALA A 98 -3.83 7.61 10.07
C ALA A 98 -3.02 8.67 9.36
N LEU A 99 -1.70 8.63 9.52
CA LEU A 99 -0.85 9.63 8.89
C LEU A 99 0.27 8.93 8.17
N THR A 100 0.75 9.54 7.12
CA THR A 100 1.89 9.06 6.36
C THR A 100 3.07 9.91 6.81
N VAL A 101 4.22 9.29 7.02
CA VAL A 101 5.42 10.00 7.44
C VAL A 101 6.46 9.81 6.37
N LYS A 102 7.17 10.89 5.98
CA LYS A 102 8.23 10.81 4.97
C LYS A 102 9.53 11.48 5.50
N ASN A 103 10.64 11.28 4.78
CA ASN A 103 11.97 11.80 5.10
C ASN A 103 12.51 11.20 6.40
N LEU A 104 12.27 9.90 6.60
CA LEU A 104 12.77 9.18 7.75
C LEU A 104 14.25 8.78 7.57
N SER A 105 15.07 8.89 8.63
CA SER A 105 16.46 8.45 8.59
C SER A 105 16.48 6.91 8.53
N PRO A 106 17.50 6.24 7.93
CA PRO A 106 17.50 4.76 7.95
C PRO A 106 17.70 4.12 9.33
N VAL A 107 17.97 4.92 10.39
CA VAL A 107 18.15 4.36 11.74
C VAL A 107 16.84 4.33 12.55
N VAL A 108 15.75 4.84 11.96
CA VAL A 108 14.44 4.88 12.62
C VAL A 108 13.77 3.49 12.46
N SER A 109 13.45 2.88 13.58
CA SER A 109 12.72 1.60 13.66
C SER A 109 11.25 1.87 13.93
N ASN A 110 10.41 0.83 13.79
CA ASN A 110 8.98 0.93 14.11
C ASN A 110 8.81 1.48 15.53
N GLU A 111 9.58 0.93 16.51
CA GLU A 111 9.54 1.29 17.92
C GLU A 111 9.92 2.75 18.18
N LEU A 112 10.95 3.26 17.52
CA LEU A 112 11.35 4.65 17.71
C LEU A 112 10.26 5.59 17.15
N LEU A 113 9.67 5.25 15.98
CA LEU A 113 8.61 6.03 15.34
C LEU A 113 7.39 6.06 16.25
N GLU A 114 7.06 4.92 16.87
CA GLU A 114 5.94 4.87 17.82
C GLU A 114 6.21 5.77 19.02
N GLN A 115 7.39 5.62 19.62
CA GLN A 115 7.86 6.38 20.78
C GLN A 115 7.79 7.88 20.51
N ALA A 116 8.28 8.31 19.34
CA ALA A 116 8.30 9.71 18.91
C ALA A 116 6.87 10.24 18.80
N PHE A 117 6.00 9.54 18.02
CA PHE A 117 4.64 9.98 17.81
C PHE A 117 3.70 9.88 18.99
N SER A 118 4.05 9.09 20.01
CA SER A 118 3.24 8.97 21.24
C SER A 118 3.28 10.28 22.06
N GLN A 119 4.19 11.21 21.73
CA GLN A 119 4.24 12.55 22.36
C GLN A 119 2.94 13.30 22.04
N PHE A 120 2.30 13.01 20.85
CA PHE A 120 1.08 13.66 20.40
C PHE A 120 -0.22 13.05 20.95
N GLY A 121 -0.13 11.84 21.45
CA GLY A 121 -1.28 11.11 21.97
C GLY A 121 -1.13 9.63 21.72
N PRO A 122 -2.09 8.78 22.18
CA PRO A 122 -1.91 7.33 22.04
C PRO A 122 -1.90 6.82 20.60
N VAL A 123 -0.86 6.07 20.29
CA VAL A 123 -0.59 5.48 18.99
C VAL A 123 -1.06 4.03 19.01
N GLU A 124 -1.86 3.64 18.01
CA GLU A 124 -2.28 2.24 17.88
C GLU A 124 -1.14 1.46 17.26
N LYS A 125 -0.56 2.01 16.17
CA LYS A 125 0.54 1.39 15.44
C LYS A 125 1.37 2.40 14.68
N ALA A 126 2.65 2.11 14.53
CA ALA A 126 3.57 2.91 13.72
C ALA A 126 4.50 1.93 13.05
N VAL A 127 4.70 2.11 11.74
CA VAL A 127 5.50 1.24 10.89
C VAL A 127 6.48 2.02 10.03
N VAL A 128 7.73 1.55 9.98
CA VAL A 128 8.75 2.12 9.09
C VAL A 128 8.70 1.19 7.86
N VAL A 129 8.31 1.71 6.69
CA VAL A 129 8.15 0.87 5.48
C VAL A 129 9.51 0.49 4.91
N VAL A 130 9.68 -0.83 4.65
CA VAL A 130 10.89 -1.40 4.05
C VAL A 130 10.56 -2.01 2.65
N ASP A 131 11.55 -1.99 1.72
CA ASP A 131 11.41 -2.59 0.38
C ASP A 131 11.62 -4.11 0.44
N ASP A 132 11.62 -4.80 -0.73
CA ASP A 132 11.83 -6.26 -0.83
C ASP A 132 13.19 -6.71 -0.22
N ARG A 133 14.23 -5.88 -0.34
CA ARG A 133 15.56 -6.14 0.22
C ARG A 133 15.58 -5.99 1.76
N GLY A 134 14.57 -5.34 2.32
CA GLY A 134 14.42 -5.10 3.75
C GLY A 134 15.08 -3.81 4.22
N ARG A 135 15.37 -2.90 3.27
CA ARG A 135 15.99 -1.60 3.49
C ARG A 135 14.91 -0.54 3.62
N ALA A 136 15.13 0.49 4.45
CA ALA A 136 14.18 1.57 4.71
C ALA A 136 13.88 2.41 3.47
N THR A 137 12.59 2.65 3.21
CA THR A 137 12.18 3.45 2.05
C THR A 137 12.29 4.94 2.35
N GLY A 138 12.23 5.28 3.65
CA GLY A 138 12.21 6.65 4.16
C GLY A 138 10.79 7.05 4.49
N LYS A 139 9.84 6.14 4.23
CA LYS A 139 8.44 6.37 4.46
C LYS A 139 7.95 5.47 5.59
N GLY A 140 6.85 5.87 6.17
CA GLY A 140 6.22 5.10 7.23
C GLY A 140 4.81 5.58 7.44
N PHE A 141 4.13 5.01 8.41
CA PHE A 141 2.81 5.48 8.77
C PHE A 141 2.60 5.44 10.27
N VAL A 142 1.70 6.28 10.74
CA VAL A 142 1.40 6.31 12.15
C VAL A 142 -0.12 6.35 12.27
N GLU A 143 -0.68 5.39 12.98
CA GLU A 143 -2.13 5.34 13.23
C GLU A 143 -2.38 5.59 14.70
N PHE A 144 -3.17 6.65 15.00
CA PHE A 144 -3.56 7.02 16.36
C PHE A 144 -4.93 6.42 16.71
N ALA A 145 -5.20 6.25 18.01
CA ALA A 145 -6.46 5.72 18.51
C ALA A 145 -7.60 6.68 18.20
N ALA A 146 -7.30 7.98 18.15
CA ALA A 146 -8.29 9.02 17.90
C ALA A 146 -7.78 10.16 16.99
N LYS A 147 -8.72 10.94 16.43
CA LYS A 147 -8.42 12.03 15.52
C LYS A 147 -7.69 13.22 16.18
N PRO A 148 -8.07 13.75 17.37
CA PRO A 148 -7.32 14.90 17.94
C PRO A 148 -5.79 14.68 18.01
N PRO A 149 -5.22 13.57 18.54
CA PRO A 149 -3.76 13.40 18.45
C PRO A 149 -3.19 13.44 17.03
N ALA A 150 -3.88 12.84 16.02
CA ALA A 150 -3.43 12.86 14.62
C ALA A 150 -3.33 14.31 14.08
N ARG A 151 -4.35 15.15 14.40
CA ARG A 151 -4.38 16.55 13.98
C ARG A 151 -3.24 17.34 14.63
N LYS A 152 -3.00 17.13 15.93
CA LYS A 152 -1.94 17.73 16.75
C LYS A 152 -0.58 17.40 16.08
N ALA A 153 -0.36 16.11 15.73
CA ALA A 153 0.87 15.65 15.08
C ALA A 153 0.99 16.29 13.70
N LEU A 154 -0.11 16.38 12.96
CA LEU A 154 -0.10 17.02 11.66
C LEU A 154 0.26 18.53 11.78
N GLU A 155 -0.43 19.26 12.66
CA GLU A 155 -0.20 20.71 12.85
C GLU A 155 1.22 21.01 13.40
N ARG A 156 1.59 20.42 14.52
CA ARG A 156 2.89 20.61 15.13
C ARG A 156 4.09 20.25 14.22
N CYS A 157 4.01 19.13 13.46
CA CYS A 157 5.08 18.71 12.55
C CYS A 157 5.17 19.53 11.26
N GLY A 158 4.09 20.24 10.95
CA GLY A 158 4.05 21.14 9.81
C GLY A 158 4.63 22.49 10.18
N ASP A 159 4.30 23.00 11.38
CA ASP A 159 4.79 24.30 11.87
C ASP A 159 6.26 24.26 12.34
N GLY A 160 6.60 23.27 13.15
CA GLY A 160 7.95 23.07 13.67
C GLY A 160 8.73 22.03 12.87
N ALA A 161 9.92 21.68 13.34
CA ALA A 161 10.77 20.68 12.71
C ALA A 161 10.92 19.54 13.71
N PHE A 162 10.16 18.46 13.48
CA PHE A 162 10.19 17.33 14.38
C PHE A 162 11.35 16.43 14.00
N LEU A 163 12.25 16.18 14.96
CA LEU A 163 13.49 15.38 14.73
C LEU A 163 13.45 14.06 15.45
N LEU A 164 13.88 12.95 14.79
CA LEU A 164 13.85 11.63 15.42
C LEU A 164 15.22 11.16 15.82
N THR A 165 16.25 11.83 15.27
CA THR A 165 17.65 11.48 15.45
C THR A 165 18.52 12.72 15.75
N THR A 166 19.83 12.49 15.98
CA THR A 166 20.84 13.53 16.18
C THR A 166 20.84 14.44 14.94
N THR A 167 21.05 13.88 13.73
CA THR A 167 20.98 14.63 12.46
C THR A 167 19.61 15.32 12.36
N PRO A 168 19.59 16.67 12.22
CA PRO A 168 18.31 17.38 12.15
C PRO A 168 17.60 17.21 10.81
N ARG A 169 17.19 15.95 10.52
CA ARG A 169 16.44 15.56 9.34
C ARG A 169 14.95 15.61 9.76
N PRO A 170 14.15 16.60 9.32
CA PRO A 170 12.78 16.68 9.82
C PRO A 170 11.82 15.71 9.17
N VAL A 171 10.91 15.17 9.99
CA VAL A 171 9.86 14.25 9.51
CA VAL A 171 9.84 14.25 9.55
C VAL A 171 8.81 15.05 8.74
N ILE A 172 8.35 14.52 7.61
CA ILE A 172 7.29 15.16 6.81
C ILE A 172 6.00 14.39 7.20
N VAL A 173 4.98 15.07 7.69
CA VAL A 173 3.74 14.39 8.13
C VAL A 173 2.56 14.86 7.29
N GLU A 174 1.80 13.91 6.71
CA GLU A 174 0.63 14.20 5.84
C GLU A 174 -0.50 13.20 6.20
N PRO A 175 -1.80 13.53 5.97
CA PRO A 175 -2.85 12.51 6.21
C PRO A 175 -2.62 11.30 5.29
N MET A 176 -2.91 10.09 5.76
CA MET A 176 -2.70 8.89 4.94
C MET A 176 -3.68 8.91 3.79
N GLU A 177 -3.23 8.62 2.58
CA GLU A 177 -4.12 8.61 1.43
C GLU A 177 -4.91 7.33 1.48
N GLN A 178 -6.22 7.45 1.36
CA GLN A 178 -7.08 6.30 1.37
C GLN A 178 -7.65 6.05 -0.03
N PHE A 179 -7.54 4.80 -0.47
CA PHE A 179 -7.98 4.37 -1.79
C PHE A 179 -8.65 3.01 -1.63
N ASP A 180 -9.63 2.74 -2.48
CA ASP A 180 -10.28 1.45 -2.54
C ASP A 180 -9.64 0.65 -3.69
N ASP A 181 -9.00 -0.46 -3.36
CA ASP A 181 -8.41 -1.38 -4.34
C ASP A 181 -9.15 -2.71 -4.19
N GLU A 182 -10.36 -2.65 -3.65
CA GLU A 182 -11.17 -3.82 -3.41
C GLU A 182 -12.43 -3.90 -4.25
N ASP A 183 -13.28 -2.87 -4.19
CA ASP A 183 -14.54 -2.83 -4.94
C ASP A 183 -14.37 -2.21 -6.35
N GLY A 184 -13.59 -1.13 -6.41
CA GLY A 184 -13.20 -0.46 -7.65
C GLY A 184 -14.37 0.05 -8.43
N LEU A 185 -14.37 -0.19 -9.75
CA LEU A 185 -15.46 0.30 -10.62
C LEU A 185 -16.19 -0.85 -11.32
N PRO A 186 -17.23 -1.46 -10.70
CA PRO A 186 -17.94 -2.55 -11.38
C PRO A 186 -18.65 -2.10 -12.65
N GLU A 187 -18.62 -2.96 -13.69
CA GLU A 187 -19.26 -2.71 -14.97
C GLU A 187 -20.76 -2.44 -14.81
N LYS A 188 -21.46 -3.21 -13.94
CA LYS A 188 -22.91 -3.05 -13.71
C LYS A 188 -23.33 -1.67 -13.20
N LEU A 189 -22.41 -0.93 -12.58
CA LEU A 189 -22.76 0.40 -12.07
C LEU A 189 -22.35 1.54 -13.02
N MET A 190 -21.82 1.18 -14.20
CA MET A 190 -21.35 2.16 -15.19
C MET A 190 -22.47 2.44 -16.20
N GLN A 191 -22.96 3.70 -16.27
CA GLN A 191 -24.06 4.09 -17.17
C GLN A 191 -23.65 3.95 -18.63
N LYS A 192 -24.51 3.31 -19.44
CA LYS A 192 -24.27 3.09 -20.87
C LYS A 192 -24.70 4.32 -21.70
N THR A 193 -24.00 5.45 -21.47
CA THR A 193 -24.19 6.72 -22.18
C THR A 193 -23.56 6.65 -23.57
N GLN A 194 -23.80 7.66 -24.43
CA GLN A 194 -23.18 7.63 -25.75
C GLN A 194 -21.66 7.78 -25.70
N GLN A 195 -21.14 8.55 -24.74
CA GLN A 195 -19.69 8.75 -24.57
C GLN A 195 -19.05 7.40 -24.15
N TYR A 196 -19.71 6.66 -23.23
CA TYR A 196 -19.28 5.30 -22.81
C TYR A 196 -19.16 4.43 -24.08
N HIS A 197 -20.23 4.47 -24.88
CA HIS A 197 -20.29 3.69 -26.11
C HIS A 197 -19.21 4.02 -27.10
N LYS A 198 -18.94 5.33 -27.30
CA LYS A 198 -17.91 5.81 -28.22
C LYS A 198 -16.54 5.28 -27.74
N GLU A 199 -16.28 5.43 -26.41
CA GLU A 199 -15.03 4.94 -25.81
C GLU A 199 -14.90 3.40 -25.78
N ARG A 200 -16.01 2.68 -25.51
CA ARG A 200 -15.96 1.22 -25.44
C ARG A 200 -16.18 0.52 -26.77
N GLU A 201 -16.40 1.31 -27.85
CA GLU A 201 -16.60 0.75 -29.17
C GLU A 201 -15.48 -0.16 -29.60
N GLN A 202 -14.21 0.30 -29.44
CA GLN A 202 -13.06 -0.49 -29.86
C GLN A 202 -12.61 -1.25 -28.66
N PRO A 203 -12.35 -2.55 -28.85
CA PRO A 203 -11.98 -3.42 -27.73
C PRO A 203 -10.51 -3.25 -27.33
N PRO A 204 -10.08 -3.78 -26.17
CA PRO A 204 -8.66 -3.77 -25.84
C PRO A 204 -7.86 -4.42 -26.96
N ARG A 205 -6.76 -3.76 -27.34
CA ARG A 205 -5.95 -4.20 -28.47
C ARG A 205 -4.62 -3.47 -28.48
N PHE A 206 -3.66 -4.02 -29.23
CA PHE A 206 -2.41 -3.36 -29.53
C PHE A 206 -2.68 -2.52 -30.79
N ALA A 207 -2.25 -1.24 -30.78
CA ALA A 207 -2.37 -0.31 -31.91
C ALA A 207 -1.70 -0.97 -33.12
N GLN A 208 -2.41 -0.99 -34.24
CA GLN A 208 -1.95 -1.68 -35.46
C GLN A 208 -0.94 -0.81 -36.23
N PRO A 209 0.28 -1.28 -36.51
CA PRO A 209 1.22 -0.46 -37.31
C PRO A 209 0.56 -0.01 -38.63
N GLY A 210 0.84 1.23 -39.03
CA GLY A 210 0.32 1.85 -40.24
C GLY A 210 -1.01 2.58 -40.08
N THR A 211 -1.64 2.48 -38.91
CA THR A 211 -2.92 3.14 -38.66
C THR A 211 -2.70 4.48 -37.97
N PHE A 212 -3.77 5.33 -37.99
CA PHE A 212 -3.83 6.60 -37.28
C PHE A 212 -3.64 6.31 -35.77
N GLU A 213 -4.26 5.23 -35.25
CA GLU A 213 -4.13 4.88 -33.83
C GLU A 213 -2.71 4.67 -33.45
N PHE A 214 -1.94 3.93 -34.27
CA PHE A 214 -0.55 3.65 -33.97
C PHE A 214 0.32 4.92 -33.92
N GLU A 215 0.09 5.83 -34.88
CA GLU A 215 0.81 7.10 -34.99
C GLU A 215 0.55 7.93 -33.75
N TYR A 216 -0.72 7.97 -33.30
CA TYR A 216 -1.02 8.74 -32.12
C TYR A 216 -0.60 8.09 -30.81
N ALA A 217 -0.71 6.78 -30.72
CA ALA A 217 -0.23 6.07 -29.54
C ALA A 217 1.30 6.29 -29.37
N SER A 218 2.06 6.40 -30.49
CA SER A 218 3.51 6.62 -30.41
C SER A 218 3.80 8.03 -29.89
N ARG A 219 2.92 8.98 -30.18
CA ARG A 219 3.02 10.35 -29.67
C ARG A 219 2.73 10.42 -28.18
N TRP A 220 1.78 9.56 -27.72
CA TRP A 220 1.49 9.46 -26.28
C TRP A 220 2.66 8.82 -25.57
N LYS A 221 3.31 7.80 -26.20
CA LYS A 221 4.50 7.17 -25.59
C LYS A 221 5.57 8.25 -25.41
N ALA A 222 5.77 9.09 -26.45
CA ALA A 222 6.72 10.21 -26.43
C ALA A 222 6.43 11.21 -25.30
N LEU A 223 5.17 11.50 -25.04
CA LEU A 223 4.77 12.41 -23.98
C LEU A 223 5.05 11.82 -22.57
N ASP A 224 4.82 10.53 -22.41
CA ASP A 224 5.11 9.80 -21.17
C ASP A 224 6.62 9.78 -20.91
N GLU A 225 7.40 9.63 -21.97
CA GLU A 225 8.86 9.63 -21.88
C GLU A 225 9.39 11.02 -21.49
N MET A 226 8.76 12.13 -21.99
CA MET A 226 9.13 13.52 -21.67
C MET A 226 8.82 13.82 -20.19
N GLU A 227 7.69 13.33 -19.68
CA GLU A 227 7.34 13.47 -18.28
C GLU A 227 8.34 12.72 -17.42
N LYS A 228 8.74 11.50 -17.79
CA LYS A 228 9.73 10.72 -17.03
C LYS A 228 11.05 11.50 -16.96
N GLN A 229 11.52 12.01 -18.12
CA GLN A 229 12.76 12.81 -18.23
C GLN A 229 12.73 14.02 -17.35
N GLN A 230 11.64 14.78 -17.39
CA GLN A 230 11.47 16.01 -16.62
C GLN A 230 11.47 15.76 -15.10
N ARG A 231 10.77 14.72 -14.67
CA ARG A 231 10.72 14.36 -13.24
C ARG A 231 12.08 13.87 -12.77
N GLU A 232 12.82 13.17 -13.63
CA GLU A 232 14.17 12.70 -13.28
C GLU A 232 15.13 13.87 -13.21
N GLN A 233 14.88 14.87 -14.05
CA GLN A 233 15.67 16.11 -14.05
C GLN A 233 15.45 16.89 -12.71
N VAL A 234 14.22 16.93 -12.19
CA VAL A 234 13.88 17.53 -10.90
C VAL A 234 14.62 16.73 -9.77
N ASP A 235 14.59 15.38 -9.84
CA ASP A 235 15.31 14.52 -8.86
C ASP A 235 16.81 14.88 -8.86
N ARG A 236 17.37 15.12 -10.05
CA ARG A 236 18.76 15.49 -10.21
C ARG A 236 19.05 16.86 -9.54
N ASN A 237 18.19 17.88 -9.79
CA ASN A 237 18.32 19.23 -9.24
C ASN A 237 18.28 19.15 -7.73
N ILE A 238 17.39 18.29 -7.20
CA ILE A 238 17.24 18.11 -5.78
C ILE A 238 18.46 17.42 -5.15
N ARG A 239 19.08 16.43 -5.82
CA ARG A 239 20.31 15.79 -5.32
C ARG A 239 21.45 16.81 -5.26
N GLU A 240 21.55 17.70 -6.27
CA GLU A 240 22.63 18.68 -6.31
C GLU A 240 22.43 19.67 -5.16
N ALA A 241 21.18 20.11 -4.93
CA ALA A 241 20.84 21.05 -3.87
C ALA A 241 21.04 20.45 -2.47
N LYS A 242 20.69 19.16 -2.29
CA LYS A 242 20.88 18.40 -1.04
C LYS A 242 22.38 18.24 -0.73
N GLU A 243 23.19 17.93 -1.75
CA GLU A 243 24.64 17.81 -1.62
C GLU A 243 25.22 19.15 -1.21
N LYS A 244 24.73 20.25 -1.82
CA LYS A 244 25.14 21.61 -1.47
C LYS A 244 24.76 21.95 -0.01
N LEU A 245 23.53 21.57 0.41
CA LEU A 245 23.05 21.84 1.76
C LEU A 245 23.88 21.07 2.79
N GLU A 246 24.18 19.80 2.51
CA GLU A 246 25.01 19.00 3.40
C GLU A 246 26.40 19.65 3.59
N ALA A 247 27.06 20.09 2.52
CA ALA A 247 28.38 20.74 2.59
C ALA A 247 28.31 22.05 3.39
N GLU A 248 27.30 22.89 3.10
CA GLU A 248 27.08 24.16 3.79
C GLU A 248 26.88 23.98 5.29
N MET A 249 26.11 22.95 5.68
CA MET A 249 25.80 22.65 7.06
C MET A 249 26.96 22.05 7.83
N GLU A 250 27.84 21.32 7.16
CA GLU A 250 29.05 20.77 7.78
C GLU A 250 30.01 21.95 8.06
N ALA A 251 30.07 22.91 7.13
CA ALA A 251 30.90 24.09 7.30
C ALA A 251 30.31 24.95 8.42
N ALA A 252 28.94 25.12 8.44
CA ALA A 252 28.22 25.89 9.45
C ALA A 252 28.29 25.23 10.84
N ARG A 253 28.36 23.88 10.89
CA ARG A 253 28.51 23.17 12.18
C ARG A 253 29.86 23.54 12.81
N HIS A 254 30.97 23.48 12.01
CA HIS A 254 32.33 23.84 12.44
C HIS A 254 32.36 25.31 12.94
N GLU A 255 31.68 26.21 12.21
CA GLU A 255 31.58 27.64 12.53
C GLU A 255 30.90 27.81 13.87
N HIS A 256 29.69 27.21 14.06
CA HIS A 256 28.96 27.26 15.32
C HIS A 256 29.81 26.76 16.49
N GLN A 257 30.49 25.60 16.33
CA GLN A 257 31.33 25.03 17.39
C GLN A 257 32.53 25.90 17.70
N LEU A 258 33.21 26.44 16.66
CA LEU A 258 34.37 27.31 16.89
C LEU A 258 34.08 28.67 17.57
N MET A 259 32.80 29.14 17.58
CA MET A 259 32.42 30.41 18.22
C MET A 259 32.43 30.30 19.76
N LEU A 260 32.25 29.07 20.28
CA LEU A 260 32.09 28.79 21.70
C LEU A 260 33.39 28.67 22.47
N MET A 261 33.46 29.32 23.64
CA MET A 261 34.61 29.31 24.54
C MET A 261 34.85 27.88 25.06
N GLY B 15 -19.85 -21.65 -1.86
CA GLY B 15 -18.57 -21.37 -1.24
C GLY B 15 -17.63 -20.54 -2.11
N GLU B 16 -16.60 -19.94 -1.48
CA GLU B 16 -15.60 -19.13 -2.16
C GLU B 16 -14.60 -20.05 -2.88
N LYS B 17 -13.88 -19.53 -3.90
CA LYS B 17 -12.82 -20.27 -4.57
C LYS B 17 -11.70 -20.52 -3.53
N THR B 18 -11.21 -21.77 -3.49
CA THR B 18 -10.22 -22.24 -2.52
C THR B 18 -8.82 -22.23 -3.13
N PHE B 19 -7.77 -22.34 -2.25
CA PHE B 19 -6.36 -22.36 -2.66
C PHE B 19 -5.95 -21.18 -3.56
N THR B 20 -6.57 -19.99 -3.37
CA THR B 20 -6.23 -18.78 -4.14
C THR B 20 -4.95 -18.17 -3.58
N GLN B 21 -4.45 -17.09 -4.19
CA GLN B 21 -3.24 -16.44 -3.67
C GLN B 21 -3.52 -15.73 -2.33
N ARG B 22 -4.82 -15.56 -1.97
CA ARG B 22 -5.19 -14.96 -0.69
C ARG B 22 -4.98 -15.89 0.51
N SER B 23 -4.81 -17.21 0.26
CA SER B 23 -4.50 -18.19 1.31
C SER B 23 -3.07 -18.79 1.11
N ARG B 24 -2.19 -18.04 0.44
CA ARG B 24 -0.81 -18.43 0.15
C ARG B 24 0.10 -17.76 1.14
N LEU B 25 0.89 -18.59 1.88
CA LEU B 25 1.83 -18.08 2.88
C LEU B 25 3.28 -18.26 2.46
N PHE B 26 4.12 -17.28 2.85
CA PHE B 26 5.57 -17.27 2.67
C PHE B 26 6.10 -17.83 3.97
N VAL B 27 7.06 -18.73 3.85
CA VAL B 27 7.70 -19.33 5.04
C VAL B 27 9.20 -19.11 4.87
N GLY B 28 9.77 -18.23 5.67
CA GLY B 28 11.19 -17.90 5.61
C GLY B 28 12.01 -18.41 6.77
N ASN B 29 13.35 -18.26 6.65
CA ASN B 29 14.38 -18.70 7.61
C ASN B 29 14.25 -20.21 7.87
N LEU B 30 14.04 -20.95 6.78
CA LEU B 30 13.89 -22.39 6.79
C LEU B 30 15.23 -23.07 7.08
N PRO B 31 15.26 -24.26 7.75
CA PRO B 31 16.54 -24.98 7.91
C PRO B 31 17.05 -25.38 6.52
N PRO B 32 18.39 -25.43 6.27
CA PRO B 32 18.88 -25.80 4.92
C PRO B 32 18.48 -27.20 4.44
N ASP B 33 18.03 -28.07 5.36
CA ASP B 33 17.61 -29.43 5.03
C ASP B 33 16.09 -29.64 4.95
N ILE B 34 15.30 -28.56 4.83
CA ILE B 34 13.82 -28.62 4.76
C ILE B 34 13.35 -29.39 3.50
N THR B 35 12.27 -30.18 3.65
CA THR B 35 11.69 -30.94 2.55
C THR B 35 10.22 -30.51 2.36
N GLU B 36 9.63 -30.77 1.17
CA GLU B 36 8.22 -30.45 0.92
C GLU B 36 7.29 -31.20 1.88
N GLU B 37 7.67 -32.43 2.28
CA GLU B 37 6.89 -33.23 3.23
C GLU B 37 6.98 -32.67 4.65
N GLU B 38 8.11 -32.02 4.99
CA GLU B 38 8.31 -31.40 6.31
C GLU B 38 7.41 -30.16 6.40
N MET B 39 7.36 -29.39 5.31
CA MET B 39 6.49 -28.22 5.15
C MET B 39 5.02 -28.64 5.37
N ARG B 40 4.57 -29.73 4.72
CA ARG B 40 3.21 -30.26 4.84
C ARG B 40 2.90 -30.71 6.26
N LYS B 41 3.86 -31.38 6.90
CA LYS B 41 3.73 -31.80 8.30
C LYS B 41 3.58 -30.57 9.20
N LEU B 42 4.36 -29.50 8.97
CA LEU B 42 4.32 -28.24 9.76
C LEU B 42 2.92 -27.60 9.74
N PHE B 43 2.23 -27.66 8.57
CA PHE B 43 0.90 -27.07 8.36
C PHE B 43 -0.28 -28.05 8.41
N GLU B 44 -0.01 -29.34 8.69
CA GLU B 44 -1.02 -30.42 8.80
C GLU B 44 -2.31 -30.08 9.59
N LYS B 45 -2.20 -29.30 10.69
CA LYS B 45 -3.35 -28.97 11.54
C LYS B 45 -4.32 -28.00 10.86
N TYR B 46 -3.84 -27.31 9.85
CA TYR B 46 -4.55 -26.24 9.15
C TYR B 46 -5.23 -26.71 7.86
N GLY B 47 -5.81 -27.90 7.94
CA GLY B 47 -6.53 -28.55 6.83
C GLY B 47 -5.67 -29.03 5.69
N LYS B 48 -6.29 -29.16 4.47
CA LYS B 48 -5.61 -29.58 3.27
C LYS B 48 -4.62 -28.53 2.78
N ALA B 49 -3.52 -28.99 2.21
CA ALA B 49 -2.56 -28.06 1.64
C ALA B 49 -2.44 -28.32 0.16
N GLY B 50 -2.33 -27.26 -0.61
CA GLY B 50 -2.17 -27.33 -2.06
C GLY B 50 -0.69 -27.34 -2.37
N GLU B 51 -0.31 -26.53 -3.37
CA GLU B 51 1.06 -26.33 -3.84
C GLU B 51 2.01 -25.96 -2.71
N VAL B 52 3.15 -26.63 -2.68
CA VAL B 52 4.26 -26.34 -1.79
C VAL B 52 5.41 -26.12 -2.77
N PHE B 53 6.19 -25.06 -2.57
CA PHE B 53 7.32 -24.75 -3.41
C PHE B 53 8.44 -24.17 -2.54
N ILE B 54 9.61 -24.83 -2.54
CA ILE B 54 10.77 -24.39 -1.77
C ILE B 54 11.86 -23.86 -2.70
N HIS B 55 12.36 -22.64 -2.42
CA HIS B 55 13.48 -22.03 -3.14
C HIS B 55 14.72 -22.58 -2.46
N LYS B 56 15.39 -23.53 -3.15
CA LYS B 56 16.57 -24.21 -2.64
C LYS B 56 17.76 -23.29 -2.43
N ASP B 57 18.42 -23.44 -1.25
CA ASP B 57 19.58 -22.68 -0.77
C ASP B 57 19.29 -21.18 -0.57
N LYS B 58 18.00 -20.79 -0.62
CA LYS B 58 17.57 -19.41 -0.39
C LYS B 58 16.98 -19.21 1.03
N GLY B 59 16.54 -20.31 1.64
CA GLY B 59 15.99 -20.32 2.99
C GLY B 59 14.54 -19.90 3.08
N PHE B 60 13.80 -19.92 1.94
CA PHE B 60 12.36 -19.59 1.93
C PHE B 60 11.53 -20.48 1.02
N GLY B 61 10.22 -20.56 1.32
CA GLY B 61 9.25 -21.39 0.61
C GLY B 61 7.82 -20.87 0.68
N PHE B 62 6.92 -21.51 -0.08
CA PHE B 62 5.52 -21.11 -0.15
C PHE B 62 4.59 -22.28 0.02
N ILE B 63 3.43 -22.04 0.60
CA ILE B 63 2.43 -23.08 0.79
C ILE B 63 1.05 -22.46 0.63
N ARG B 64 0.13 -23.15 -0.08
CA ARG B 64 -1.24 -22.68 -0.25
C ARG B 64 -2.14 -23.43 0.65
N LEU B 65 -2.92 -22.72 1.46
CA LEU B 65 -3.89 -23.36 2.34
C LEU B 65 -5.23 -23.26 1.69
N GLU B 66 -6.19 -24.07 2.09
CA GLU B 66 -7.52 -24.12 1.47
C GLU B 66 -8.34 -22.84 1.54
N THR B 67 -8.38 -22.20 2.72
CA THR B 67 -9.20 -21.00 2.91
C THR B 67 -8.39 -19.89 3.53
N ARG B 68 -8.90 -18.63 3.38
CA ARG B 68 -8.30 -17.47 4.01
C ARG B 68 -8.31 -17.66 5.56
N THR B 69 -9.40 -18.17 6.16
CA THR B 69 -9.41 -18.39 7.61
C THR B 69 -8.23 -19.28 8.06
N LEU B 70 -8.03 -20.40 7.37
CA LEU B 70 -6.96 -21.34 7.71
C LEU B 70 -5.58 -20.74 7.57
N ALA B 71 -5.37 -19.88 6.57
CA ALA B 71 -4.09 -19.21 6.36
C ALA B 71 -3.88 -18.15 7.45
N GLU B 72 -4.93 -17.38 7.81
CA GLU B 72 -4.82 -16.35 8.87
C GLU B 72 -4.39 -16.99 10.19
N ILE B 73 -5.00 -18.14 10.55
CA ILE B 73 -4.75 -18.87 11.79
C ILE B 73 -3.34 -19.46 11.78
N ALA B 74 -2.98 -20.13 10.67
CA ALA B 74 -1.65 -20.75 10.54
C ALA B 74 -0.58 -19.71 10.66
N LYS B 75 -0.80 -18.54 10.05
CA LYS B 75 0.19 -17.44 10.09
C LYS B 75 0.46 -16.97 11.51
N VAL B 76 -0.59 -16.63 12.28
CA VAL B 76 -0.43 -16.19 13.67
C VAL B 76 0.21 -17.28 14.52
N GLU B 77 -0.29 -18.50 14.38
CA GLU B 77 0.19 -19.61 15.20
C GLU B 77 1.61 -20.11 14.88
N LEU B 78 2.01 -20.13 13.60
CA LEU B 78 3.34 -20.61 13.19
C LEU B 78 4.44 -19.58 13.04
N ASP B 79 4.09 -18.27 12.91
CA ASP B 79 5.12 -17.24 12.80
C ASP B 79 6.02 -17.32 14.05
N ASN B 80 7.35 -17.16 13.88
CA ASN B 80 8.38 -17.23 14.94
C ASN B 80 8.61 -18.59 15.56
N MET B 81 7.97 -19.62 15.04
CA MET B 81 8.13 -20.97 15.55
C MET B 81 9.61 -21.42 15.41
N PRO B 82 10.22 -21.93 16.50
CA PRO B 82 11.59 -22.43 16.40
C PRO B 82 11.63 -23.75 15.61
N LEU B 83 12.52 -23.85 14.62
CA LEU B 83 12.69 -25.07 13.83
C LEU B 83 14.18 -25.32 13.55
N ARG B 84 14.76 -26.31 14.28
CA ARG B 84 16.17 -26.71 14.16
C ARG B 84 17.17 -25.55 14.28
N GLY B 85 16.97 -24.66 15.24
CA GLY B 85 17.88 -23.54 15.47
C GLY B 85 17.40 -22.26 14.84
N LYS B 86 16.46 -22.41 13.89
CA LYS B 86 15.92 -21.27 13.16
C LYS B 86 14.64 -20.78 13.81
N GLN B 87 14.34 -19.51 13.63
CA GLN B 87 13.10 -18.93 14.11
C GLN B 87 12.35 -18.67 12.80
N LEU B 88 11.35 -19.50 12.48
CA LEU B 88 10.61 -19.37 11.22
C LEU B 88 9.87 -18.07 11.10
N ARG B 89 9.73 -17.57 9.87
CA ARG B 89 8.97 -16.35 9.58
C ARG B 89 7.85 -16.77 8.64
N VAL B 90 6.60 -16.66 9.11
CA VAL B 90 5.41 -17.07 8.35
C VAL B 90 4.61 -15.80 8.12
N ARG B 91 4.38 -15.45 6.86
CA ARG B 91 3.68 -14.24 6.44
C ARG B 91 2.79 -14.55 5.25
N PHE B 92 1.80 -13.69 4.99
CA PHE B 92 1.00 -13.83 3.78
C PHE B 92 1.95 -13.53 2.65
N ALA B 93 1.94 -14.37 1.62
CA ALA B 93 2.86 -14.20 0.50
C ALA B 93 2.47 -13.01 -0.32
N CYS B 94 3.50 -12.25 -0.76
CA CYS B 94 3.36 -11.10 -1.66
C CYS B 94 2.89 -11.68 -3.00
N HIS B 95 1.88 -11.05 -3.61
CA HIS B 95 1.35 -11.48 -4.89
C HIS B 95 2.39 -11.11 -5.96
N SER B 96 3.22 -12.11 -6.33
CA SER B 96 4.33 -11.93 -7.28
C SER B 96 3.89 -11.56 -8.71
N ALA B 97 2.88 -12.26 -9.26
CA ALA B 97 2.38 -12.03 -10.61
C ALA B 97 1.36 -10.84 -10.65
N SER B 98 1.63 -9.76 -9.91
CA SER B 98 0.77 -8.58 -9.85
C SER B 98 1.41 -7.39 -10.52
N LEU B 99 0.59 -6.64 -11.23
CA LEU B 99 1.07 -5.48 -11.97
C LEU B 99 0.26 -4.26 -11.65
N THR B 100 0.91 -3.10 -11.74
CA THR B 100 0.21 -1.82 -11.63
CA THR B 100 0.22 -1.81 -11.62
C THR B 100 0.04 -1.28 -13.06
N VAL B 101 -1.14 -0.77 -13.36
CA VAL B 101 -1.47 -0.24 -14.67
C VAL B 101 -1.77 1.25 -14.46
N ARG B 102 -1.04 2.12 -15.17
CA ARG B 102 -1.19 3.57 -15.04
C ARG B 102 -1.71 4.17 -16.33
N ASN B 103 -2.28 5.40 -16.24
CA ASN B 103 -2.83 6.15 -17.38
C ASN B 103 -4.04 5.42 -17.99
N LEU B 104 -4.87 4.82 -17.10
CA LEU B 104 -6.09 4.14 -17.53
C LEU B 104 -6.97 5.18 -18.13
N PRO B 105 -7.63 4.88 -19.27
CA PRO B 105 -8.56 5.86 -19.83
C PRO B 105 -9.88 5.85 -19.05
N GLN B 106 -10.82 6.71 -19.46
CA GLN B 106 -12.16 6.76 -18.87
CA GLN B 106 -12.14 6.72 -18.83
C GLN B 106 -12.94 5.48 -19.30
N TYR B 107 -13.99 5.12 -18.55
CA TYR B 107 -14.89 4.00 -18.85
C TYR B 107 -14.24 2.63 -18.72
N VAL B 108 -13.12 2.53 -17.96
CA VAL B 108 -12.50 1.22 -17.74
C VAL B 108 -13.11 0.65 -16.45
N SER B 109 -13.85 -0.47 -16.56
CA SER B 109 -14.42 -1.12 -15.37
C SER B 109 -13.45 -2.19 -14.93
N ASN B 110 -13.67 -2.79 -13.74
CA ASN B 110 -12.80 -3.89 -13.30
C ASN B 110 -12.86 -5.03 -14.30
N GLU B 111 -14.04 -5.33 -14.83
CA GLU B 111 -14.28 -6.42 -15.81
C GLU B 111 -13.57 -6.15 -17.13
N LEU B 112 -13.59 -4.89 -17.60
CA LEU B 112 -12.88 -4.57 -18.85
C LEU B 112 -11.40 -4.74 -18.61
N LEU B 113 -10.89 -4.31 -17.44
CA LEU B 113 -9.47 -4.51 -17.14
C LEU B 113 -9.12 -5.98 -17.15
N GLU B 114 -10.01 -6.83 -16.60
CA GLU B 114 -9.76 -8.28 -16.56
C GLU B 114 -9.76 -8.85 -17.98
N GLU B 115 -10.74 -8.46 -18.77
CA GLU B 115 -10.89 -8.87 -20.17
C GLU B 115 -9.66 -8.45 -20.98
N ALA B 116 -9.21 -7.17 -20.84
CA ALA B 116 -8.02 -6.66 -21.52
C ALA B 116 -6.79 -7.51 -21.25
N PHE B 117 -6.48 -7.71 -19.96
CA PHE B 117 -5.29 -8.45 -19.60
C PHE B 117 -5.39 -9.94 -19.72
N SER B 118 -6.61 -10.47 -19.93
CA SER B 118 -6.81 -11.92 -20.11
C SER B 118 -6.18 -12.44 -21.42
N VAL B 119 -5.76 -11.52 -22.33
CA VAL B 119 -5.07 -11.89 -23.55
C VAL B 119 -3.65 -12.40 -23.26
N PHE B 120 -3.05 -12.05 -22.09
CA PHE B 120 -1.68 -12.47 -21.76
C PHE B 120 -1.61 -13.74 -20.94
N GLY B 121 -2.76 -14.17 -20.43
CA GLY B 121 -2.88 -15.35 -19.60
C GLY B 121 -4.01 -15.26 -18.60
N GLN B 122 -4.06 -16.24 -17.68
CA GLN B 122 -5.09 -16.32 -16.67
C GLN B 122 -5.03 -15.21 -15.63
N VAL B 123 -6.07 -14.37 -15.59
CA VAL B 123 -6.18 -13.27 -14.65
C VAL B 123 -6.98 -13.79 -13.45
N GLU B 124 -6.39 -13.70 -12.26
CA GLU B 124 -7.03 -14.11 -11.01
C GLU B 124 -7.98 -13.01 -10.58
N ARG B 125 -7.52 -11.73 -10.72
CA ARG B 125 -8.32 -10.54 -10.41
C ARG B 125 -7.74 -9.25 -11.01
N ALA B 126 -8.64 -8.27 -11.19
CA ALA B 126 -8.30 -6.96 -11.75
C ALA B 126 -9.21 -5.93 -11.13
N VAL B 127 -8.63 -4.79 -10.72
CA VAL B 127 -9.42 -3.76 -10.06
C VAL B 127 -8.99 -2.39 -10.54
N VAL B 128 -9.96 -1.52 -10.75
CA VAL B 128 -9.72 -0.12 -11.11
C VAL B 128 -9.74 0.61 -9.76
N ILE B 129 -8.62 1.22 -9.38
CA ILE B 129 -8.53 1.89 -8.06
C ILE B 129 -9.36 3.15 -8.05
N VAL B 130 -10.13 3.35 -6.98
CA VAL B 130 -10.92 4.57 -6.83
C VAL B 130 -10.41 5.34 -5.59
N ASP B 131 -10.46 6.66 -5.64
CA ASP B 131 -10.01 7.49 -4.52
C ASP B 131 -11.02 7.42 -3.34
N ASP B 132 -10.73 8.13 -2.23
CA ASP B 132 -11.56 8.15 -1.02
C ASP B 132 -13.00 8.73 -1.20
N ARG B 133 -13.36 9.13 -2.44
CA ARG B 133 -14.65 9.69 -2.85
C ARG B 133 -15.25 8.91 -4.05
N GLY B 134 -14.69 7.73 -4.32
CA GLY B 134 -15.14 6.86 -5.42
C GLY B 134 -14.78 7.30 -6.84
N ARG B 135 -13.97 8.35 -7.00
CA ARG B 135 -13.58 8.78 -8.35
C ARG B 135 -12.38 7.94 -8.84
N PRO B 136 -12.38 7.48 -10.10
CA PRO B 136 -11.24 6.67 -10.58
C PRO B 136 -9.91 7.41 -10.46
N SER B 137 -8.84 6.72 -10.01
CA SER B 137 -7.52 7.31 -9.81
C SER B 137 -6.68 7.38 -11.09
N GLY B 138 -7.04 6.56 -12.07
CA GLY B 138 -6.31 6.42 -13.33
C GLY B 138 -5.35 5.26 -13.24
N LYS B 139 -5.34 4.59 -12.07
CA LYS B 139 -4.51 3.46 -11.78
C LYS B 139 -5.34 2.19 -11.56
N GLY B 140 -4.76 1.07 -11.88
CA GLY B 140 -5.44 -0.20 -11.68
C GLY B 140 -4.49 -1.27 -11.25
N ILE B 141 -5.02 -2.41 -10.75
CA ILE B 141 -4.19 -3.56 -10.38
C ILE B 141 -4.60 -4.78 -11.21
N VAL B 142 -3.61 -5.50 -11.78
CA VAL B 142 -3.89 -6.73 -12.47
C VAL B 142 -3.04 -7.84 -11.83
N GLU B 143 -3.72 -8.85 -11.29
CA GLU B 143 -3.15 -10.02 -10.60
C GLU B 143 -3.28 -11.26 -11.47
N PHE B 144 -2.16 -11.80 -11.99
CA PHE B 144 -2.23 -13.04 -12.78
C PHE B 144 -2.04 -14.27 -11.86
N SER B 145 -2.43 -15.46 -12.35
CA SER B 145 -2.26 -16.73 -11.64
C SER B 145 -0.77 -17.15 -11.59
N GLY B 146 -0.04 -16.86 -12.66
CA GLY B 146 1.39 -17.17 -12.74
C GLY B 146 2.27 -16.09 -13.34
N LYS B 147 3.54 -16.05 -12.90
CA LYS B 147 4.58 -15.13 -13.36
C LYS B 147 4.83 -15.08 -14.89
N PRO B 148 4.77 -16.19 -15.68
CA PRO B 148 5.00 -16.05 -17.15
C PRO B 148 4.00 -15.13 -17.84
N ALA B 149 2.72 -15.18 -17.42
CA ALA B 149 1.64 -14.35 -17.94
C ALA B 149 1.89 -12.87 -17.60
N ALA B 150 2.38 -12.58 -16.38
CA ALA B 150 2.67 -11.21 -15.97
C ALA B 150 3.86 -10.65 -16.71
N ARG B 151 4.90 -11.49 -16.98
CA ARG B 151 6.10 -11.11 -17.75
C ARG B 151 5.72 -10.75 -19.21
N LYS B 152 4.76 -11.51 -19.79
CA LYS B 152 4.24 -11.30 -21.15
C LYS B 152 3.59 -9.92 -21.26
N ALA B 153 2.68 -9.60 -20.30
CA ALA B 153 1.98 -8.32 -20.24
C ALA B 153 2.99 -7.19 -20.13
N LEU B 154 4.03 -7.35 -19.28
CA LEU B 154 5.07 -6.33 -19.11
C LEU B 154 5.85 -6.09 -20.39
N ASP B 155 6.30 -7.17 -21.06
CA ASP B 155 7.10 -7.11 -22.29
C ASP B 155 6.28 -6.49 -23.41
N ARG B 156 5.10 -7.08 -23.68
CA ARG B 156 4.21 -6.62 -24.75
C ARG B 156 3.71 -5.18 -24.60
N CYS B 157 3.33 -4.76 -23.36
CA CYS B 157 2.85 -3.39 -23.13
C CYS B 157 3.94 -2.31 -23.16
N SER B 158 5.23 -2.72 -23.03
CA SER B 158 6.35 -1.78 -23.17
C SER B 158 6.77 -1.68 -24.65
N GLU B 159 6.87 -2.82 -25.35
CA GLU B 159 7.23 -2.90 -26.76
C GLU B 159 6.14 -2.44 -27.72
N GLY B 160 4.87 -2.69 -27.40
CA GLY B 160 3.74 -2.26 -28.20
C GLY B 160 2.92 -1.19 -27.51
N SER B 161 1.86 -0.69 -28.18
CA SER B 161 0.96 0.31 -27.58
C SER B 161 -0.37 -0.38 -27.25
N PHE B 162 -0.59 -0.70 -25.93
CA PHE B 162 -1.80 -1.42 -25.49
C PHE B 162 -2.89 -0.46 -25.14
N LEU B 163 -3.94 -0.45 -25.96
CA LEU B 163 -5.07 0.45 -25.82
C LEU B 163 -6.23 -0.30 -25.27
N LEU B 164 -6.78 0.16 -24.15
CA LEU B 164 -7.95 -0.48 -23.51
C LEU B 164 -9.29 -0.03 -24.09
N THR B 165 -9.34 1.20 -24.66
CA THR B 165 -10.58 1.76 -25.23
C THR B 165 -10.25 2.44 -26.58
N THR B 166 -11.22 3.17 -27.13
CA THR B 166 -11.11 3.89 -28.41
C THR B 166 -9.92 4.90 -28.35
N PHE B 167 -9.83 5.66 -27.27
CA PHE B 167 -8.79 6.68 -27.13
C PHE B 167 -7.39 6.10 -27.32
N PRO B 168 -6.65 6.54 -28.37
CA PRO B 168 -5.33 5.96 -28.63
C PRO B 168 -4.21 6.36 -27.68
N ARG B 169 -4.47 6.38 -26.34
CA ARG B 169 -3.42 6.64 -25.35
C ARG B 169 -3.06 5.30 -24.67
N PRO B 170 -1.88 4.71 -24.93
CA PRO B 170 -1.58 3.42 -24.30
C PRO B 170 -1.35 3.51 -22.80
N VAL B 171 -1.66 2.42 -22.12
CA VAL B 171 -1.50 2.31 -20.68
C VAL B 171 -0.03 1.96 -20.39
N THR B 172 0.42 2.26 -19.15
CA THR B 172 1.77 1.91 -18.63
C THR B 172 1.57 0.77 -17.64
N VAL B 173 2.28 -0.31 -17.83
CA VAL B 173 2.19 -1.52 -17.03
C VAL B 173 3.56 -1.69 -16.37
N GLU B 174 3.57 -1.75 -15.04
CA GLU B 174 4.81 -1.86 -14.25
C GLU B 174 4.62 -2.97 -13.25
N PRO B 175 5.71 -3.64 -12.80
CA PRO B 175 5.51 -4.67 -11.76
C PRO B 175 5.07 -3.97 -10.48
N MET B 176 4.21 -4.65 -9.69
CA MET B 176 3.73 -4.10 -8.44
C MET B 176 4.91 -3.89 -7.50
N ASP B 177 4.98 -2.69 -6.90
CA ASP B 177 6.05 -2.38 -5.97
C ASP B 177 5.75 -3.14 -4.69
N GLN B 178 6.64 -4.06 -4.33
CA GLN B 178 6.40 -4.83 -3.13
C GLN B 178 7.11 -4.24 -1.94
N LEU B 179 6.31 -3.61 -1.08
CA LEU B 179 6.74 -2.93 0.12
C LEU B 179 6.13 -3.62 1.32
N ASP B 180 6.96 -3.82 2.36
CA ASP B 180 6.53 -4.43 3.60
C ASP B 180 6.10 -3.29 4.54
N ASP B 181 4.82 -2.92 4.45
CA ASP B 181 4.18 -1.91 5.26
C ASP B 181 3.45 -2.58 6.44
N GLU B 182 3.70 -3.89 6.65
CA GLU B 182 3.08 -4.68 7.72
C GLU B 182 4.03 -4.92 8.89
N GLU B 183 5.21 -5.46 8.60
CA GLU B 183 6.24 -5.77 9.58
C GLU B 183 7.26 -4.64 9.69
N GLY B 184 7.50 -3.96 8.57
CA GLY B 184 8.41 -2.82 8.47
C GLY B 184 9.81 -3.08 8.97
N LEU B 185 10.36 -2.11 9.73
CA LEU B 185 11.70 -2.19 10.29
C LEU B 185 11.69 -2.31 11.81
N PRO B 186 11.68 -3.54 12.37
CA PRO B 186 11.72 -3.68 13.84
C PRO B 186 13.09 -3.28 14.36
N GLU B 187 13.15 -2.80 15.63
CA GLU B 187 14.41 -2.39 16.27
C GLU B 187 15.46 -3.49 16.18
N LYS B 188 15.07 -4.75 16.48
CA LYS B 188 15.99 -5.89 16.40
C LYS B 188 16.68 -6.12 15.04
N LEU B 189 16.06 -5.66 13.93
CA LEU B 189 16.65 -5.81 12.59
C LEU B 189 17.47 -4.62 12.09
N VAL B 190 17.42 -3.45 12.78
CA VAL B 190 18.19 -2.26 12.39
C VAL B 190 19.69 -2.57 12.55
N ILE B 191 20.51 -2.22 11.53
CA ILE B 191 21.97 -2.42 11.60
C ILE B 191 22.55 -1.61 12.75
N LYS B 192 23.11 -2.33 13.75
CA LYS B 192 23.71 -1.72 14.92
C LYS B 192 25.21 -1.51 14.68
N ASN B 193 25.67 -0.27 14.84
CA ASN B 193 27.06 0.18 14.68
C ASN B 193 27.25 1.50 15.42
N GLN B 194 28.46 2.07 15.38
CA GLN B 194 28.76 3.33 16.06
C GLN B 194 27.88 4.49 15.59
N GLN B 195 27.68 4.62 14.26
CA GLN B 195 26.86 5.66 13.62
C GLN B 195 25.42 5.59 14.10
N PHE B 196 24.89 4.37 14.28
CA PHE B 196 23.55 4.13 14.80
C PHE B 196 23.44 4.71 16.21
N HIS B 197 24.36 4.32 17.14
CA HIS B 197 24.34 4.82 18.51
C HIS B 197 24.54 6.34 18.56
N LYS B 198 25.40 6.91 17.68
CA LYS B 198 25.60 8.37 17.60
C LYS B 198 24.27 9.06 17.26
N GLU B 199 23.56 8.49 16.26
CA GLU B 199 22.26 8.99 15.78
C GLU B 199 21.15 8.89 16.80
N ARG B 200 21.24 7.92 17.72
CA ARG B 200 20.22 7.71 18.75
C ARG B 200 20.47 8.47 20.04
N GLU B 201 21.60 9.20 20.13
CA GLU B 201 21.89 9.93 21.37
C GLU B 201 20.97 11.09 21.63
N GLN B 202 20.47 11.71 20.56
CA GLN B 202 19.48 12.78 20.71
C GLN B 202 18.07 12.17 20.53
N PRO B 203 17.16 12.37 21.50
CA PRO B 203 15.85 11.72 21.39
C PRO B 203 14.87 12.46 20.45
N PRO B 204 13.71 11.83 20.06
CA PRO B 204 12.72 12.58 19.28
C PRO B 204 12.35 13.89 19.97
N ARG B 205 12.39 15.00 19.24
CA ARG B 205 12.15 16.34 19.80
C ARG B 205 11.84 17.31 18.68
N PHE B 206 11.34 18.51 19.04
CA PHE B 206 11.21 19.59 18.08
C PHE B 206 12.49 20.42 18.18
N ALA B 207 13.10 20.76 17.02
CA ALA B 207 14.28 21.62 16.97
C ALA B 207 13.86 22.97 17.56
N GLN B 208 14.70 23.57 18.39
CA GLN B 208 14.28 24.83 19.00
C GLN B 208 14.69 26.05 18.21
N PRO B 209 13.74 26.98 17.93
CA PRO B 209 14.09 28.21 17.20
C PRO B 209 15.26 28.94 17.84
N GLY B 210 16.27 29.24 17.02
CA GLY B 210 17.49 29.89 17.44
C GLY B 210 18.71 29.00 17.33
N SER B 211 18.50 27.68 17.45
CA SER B 211 19.59 26.67 17.39
C SER B 211 20.09 26.36 15.99
N PHE B 212 21.29 25.76 15.90
CA PHE B 212 21.85 25.32 14.63
C PHE B 212 20.95 24.20 14.02
N GLU B 213 20.45 23.28 14.88
CA GLU B 213 19.61 22.19 14.37
C GLU B 213 18.30 22.67 13.80
N TYR B 214 17.70 23.75 14.37
CA TYR B 214 16.47 24.36 13.85
C TYR B 214 16.71 24.93 12.45
N GLU B 215 17.87 25.61 12.25
CA GLU B 215 18.26 26.23 10.99
C GLU B 215 18.41 25.15 9.92
N TYR B 216 19.19 24.12 10.21
CA TYR B 216 19.47 22.99 9.33
C TYR B 216 18.13 22.31 8.96
N ALA B 217 17.31 22.00 9.95
CA ALA B 217 16.02 21.34 9.70
C ALA B 217 15.08 22.20 8.89
N MET B 218 15.07 23.51 9.14
CA MET B 218 14.24 24.42 8.38
C MET B 218 14.74 24.58 6.94
N ARG B 219 16.07 24.54 6.72
CA ARG B 219 16.65 24.57 5.37
C ARG B 219 16.30 23.22 4.65
N TRP B 220 16.31 22.11 5.41
CA TRP B 220 15.92 20.80 4.88
C TRP B 220 14.46 20.84 4.47
N LYS B 221 13.56 21.45 5.28
CA LYS B 221 12.14 21.58 4.89
C LYS B 221 11.96 22.43 3.61
N ALA B 222 12.78 23.49 3.45
CA ALA B 222 12.74 24.38 2.29
C ALA B 222 13.14 23.63 1.01
N LEU B 223 14.10 22.72 1.10
CA LEU B 223 14.54 21.89 -0.02
C LEU B 223 13.39 20.92 -0.40
N ILE B 224 12.70 20.36 0.62
CA ILE B 224 11.54 19.49 0.41
C ILE B 224 10.44 20.29 -0.29
N GLU B 225 10.18 21.52 0.17
CA GLU B 225 9.22 22.43 -0.47
C GLU B 225 9.65 22.81 -1.92
N MET B 226 10.97 22.90 -2.19
CA MET B 226 11.46 23.22 -3.54
C MET B 226 11.16 22.03 -4.50
N GLU B 227 11.39 20.79 -4.03
CA GLU B 227 11.11 19.56 -4.79
C GLU B 227 9.64 19.49 -5.19
N LYS B 228 8.77 19.82 -4.21
CA LYS B 228 7.32 19.85 -4.35
C LYS B 228 6.89 20.85 -5.43
N GLN B 229 7.40 22.08 -5.38
CA GLN B 229 7.16 23.16 -6.36
C GLN B 229 7.63 22.76 -7.77
N GLN B 230 8.83 22.18 -7.88
CA GLN B 230 9.34 21.75 -9.18
C GLN B 230 8.52 20.61 -9.79
N GLN B 231 8.04 19.67 -8.96
CA GLN B 231 7.22 18.55 -9.42
C GLN B 231 5.84 19.02 -9.87
N ASP B 232 5.29 20.03 -9.17
CA ASP B 232 4.04 20.68 -9.53
C ASP B 232 4.20 21.47 -10.83
N GLN B 233 5.45 21.91 -11.16
CA GLN B 233 5.70 22.62 -12.40
C GLN B 233 5.69 21.64 -13.57
N VAL B 234 6.34 20.47 -13.39
CA VAL B 234 6.30 19.39 -14.38
C VAL B 234 4.82 18.96 -14.62
N ASP B 235 4.00 18.80 -13.54
CA ASP B 235 2.56 18.43 -13.69
C ASP B 235 1.86 19.42 -14.63
N ARG B 236 2.09 20.75 -14.40
CA ARG B 236 1.51 21.81 -15.20
C ARG B 236 2.00 21.78 -16.63
N ASN B 237 3.30 21.51 -16.87
CA ASN B 237 3.86 21.43 -18.23
C ASN B 237 3.30 20.24 -19.00
N ILE B 238 3.20 19.09 -18.33
CA ILE B 238 2.71 17.84 -18.96
C ILE B 238 1.23 17.91 -19.27
N LYS B 239 0.42 18.49 -18.36
CA LYS B 239 -1.01 18.73 -18.54
C LYS B 239 -1.22 19.55 -19.80
N GLU B 240 -0.44 20.65 -19.95
CA GLU B 240 -0.49 21.53 -21.12
C GLU B 240 -0.09 20.77 -22.39
N ALA B 241 0.98 19.96 -22.32
CA ALA B 241 1.44 19.16 -23.46
C ALA B 241 0.37 18.16 -23.90
N ARG B 242 -0.31 17.54 -22.94
CA ARG B 242 -1.36 16.54 -23.18
C ARG B 242 -2.59 17.12 -23.79
N GLU B 243 -3.04 18.31 -23.33
CA GLU B 243 -4.21 19.04 -23.85
C GLU B 243 -3.94 19.53 -25.29
N LYS B 244 -2.67 19.84 -25.61
CA LYS B 244 -2.28 20.25 -26.96
C LYS B 244 -2.33 19.02 -27.91
N LEU B 245 -1.78 17.85 -27.47
CA LEU B 245 -1.77 16.60 -28.23
C LEU B 245 -3.18 16.09 -28.53
N GLU B 246 -4.09 16.17 -27.54
CA GLU B 246 -5.50 15.80 -27.67
C GLU B 246 -6.16 16.64 -28.75
N MET B 247 -5.80 17.93 -28.85
CA MET B 247 -6.33 18.81 -29.86
C MET B 247 -5.83 18.46 -31.25
N GLU B 248 -4.50 18.27 -31.42
CA GLU B 248 -3.86 17.88 -32.67
C GLU B 248 -4.46 16.57 -33.22
N MET B 249 -4.62 15.57 -32.34
CA MET B 249 -5.19 14.26 -32.65
C MET B 249 -6.66 14.38 -33.13
N GLU B 250 -7.47 15.18 -32.44
CA GLU B 250 -8.88 15.39 -32.83
C GLU B 250 -9.00 16.11 -34.19
N ALA B 251 -8.16 17.13 -34.40
CA ALA B 251 -8.11 17.90 -35.64
C ALA B 251 -7.55 17.11 -36.84
N ALA B 252 -6.68 16.12 -36.60
CA ALA B 252 -6.09 15.30 -37.67
C ALA B 252 -6.95 14.10 -38.10
N ARG B 253 -7.93 13.71 -37.26
CA ARG B 253 -8.87 12.60 -37.45
C ARG B 253 -9.53 12.55 -38.85
C1 EDO C . 13.93 1.26 20.82
O1 EDO C . 13.04 1.09 21.93
C2 EDO C . 13.74 2.65 20.19
O2 EDO C . 14.24 3.64 21.11
C1 EDO D . 10.28 8.91 0.41
O1 EDO D . 11.23 7.84 0.46
C2 EDO D . 10.85 10.15 1.09
O2 EDO D . 11.55 9.80 2.29
C1 EDO E . -10.91 11.39 21.73
O1 EDO E . -11.44 11.86 20.50
C2 EDO E . -9.82 12.33 22.24
O2 EDO E . -8.55 11.93 21.71
C1 EDO F . -5.74 13.37 9.60
O1 EDO F . -5.39 12.00 9.28
C2 EDO F . -6.48 13.44 10.93
O2 EDO F . -7.52 12.46 11.01
C1 EDO G . 26.14 24.33 18.02
O1 EDO G . 27.56 24.29 18.08
C2 EDO G . 25.64 25.50 18.86
O2 EDO G . 26.13 26.73 18.32
C1 EDO H . 15.73 13.82 -0.98
O1 EDO H . 16.43 13.80 -2.23
C2 EDO H . 15.07 15.17 -0.75
O2 EDO H . 16.03 16.08 -0.20
C1 EDO I . 7.37 -12.24 0.63
O1 EDO I . 6.45 -13.05 -0.14
C2 EDO I . 6.84 -12.02 2.04
O2 EDO I . 5.44 -11.69 1.99
C1 EDO J . 13.96 -15.02 -18.94
O1 EDO J . 14.96 -16.02 -19.18
C2 EDO J . 12.60 -15.70 -18.75
O2 EDO J . 12.23 -16.36 -19.96
C1 EDO K . -0.47 -18.35 -18.40
O1 EDO K . -1.87 -18.56 -18.56
C2 EDO K . 0.19 -18.20 -19.78
O2 EDO K . 1.05 -17.05 -19.79
C1 EDO L . -3.47 16.10 -18.46
O1 EDO L . -3.59 15.00 -19.37
C2 EDO L . -2.68 15.68 -17.23
O2 EDO L . -1.36 15.24 -17.58
C1 EDO M . 5.16 -19.08 18.28
O1 EDO M . 4.71 -19.50 16.98
C2 EDO M . 6.43 -19.86 18.68
O2 EDO M . 6.23 -21.26 18.43
#